data_1XS0
#
_entry.id   1XS0
#
_cell.length_a   81.339
_cell.length_b   46.962
_cell.length_c   88.044
_cell.angle_alpha   90.00
_cell.angle_beta   89.95
_cell.angle_gamma   90.00
#
_symmetry.space_group_name_H-M   'C 1 2 1'
#
loop_
_entity.id
_entity.type
_entity.pdbx_description
1 polymer 'Inhibitor of vertebrate lysozyme'
2 water water
#
_entity_poly.entity_id   1
_entity_poly.type   'polypeptide(L)'
_entity_poly.pdbx_seq_one_letter_code
;QDDLTISSLAKGETTKAAFNQMVQGHKLPAWVMKGGTYTPAQTVTLGDETYQVMSACKPHDCGSQRIAVMWSEKSNQMTG
LFSTIDEKTSQEKLTWLNVNDALSIDGKTVLFAALTGSLENHPDGFNFRSHHHHHH
;
_entity_poly.pdbx_strand_id   A,B,C
#
# COMPACT_ATOMS: atom_id res chain seq x y z
N ASP A 3 20.19 -11.23 -0.14
CA ASP A 3 19.62 -10.57 -1.36
C ASP A 3 20.67 -9.71 -2.05
N LEU A 4 20.53 -9.60 -3.38
CA LEU A 4 21.39 -8.83 -4.26
C LEU A 4 21.04 -7.35 -4.24
N THR A 5 21.99 -6.59 -3.73
CA THR A 5 21.84 -5.18 -3.51
C THR A 5 23.19 -4.57 -3.78
N ILE A 6 23.22 -3.24 -3.85
CA ILE A 6 24.46 -2.56 -4.10
C ILE A 6 25.40 -2.83 -2.94
N SER A 7 24.81 -2.93 -1.76
CA SER A 7 25.63 -3.21 -0.60
C SER A 7 26.24 -4.61 -0.63
N SER A 8 25.51 -5.62 -1.07
CA SER A 8 26.14 -6.96 -1.09
C SER A 8 27.19 -7.05 -2.17
N LEU A 9 26.99 -6.29 -3.25
CA LEU A 9 28.00 -6.28 -4.31
C LEU A 9 29.26 -5.60 -3.73
N ALA A 10 29.10 -4.54 -2.95
CA ALA A 10 30.27 -3.86 -2.39
C ALA A 10 31.08 -4.70 -1.38
N LYS A 11 30.44 -5.67 -0.78
CA LYS A 11 31.11 -6.49 0.24
C LYS A 11 31.47 -7.91 -0.21
N GLY A 12 30.84 -8.37 -1.29
CA GLY A 12 31.06 -9.70 -1.82
C GLY A 12 32.48 -10.04 -2.18
N GLU A 13 32.93 -11.25 -1.82
CA GLU A 13 34.29 -11.60 -2.09
C GLU A 13 34.73 -11.42 -3.53
N THR A 14 33.86 -11.79 -4.45
CA THR A 14 34.24 -11.72 -5.85
C THR A 14 33.68 -10.50 -6.57
N THR A 15 33.05 -9.59 -5.85
CA THR A 15 32.49 -8.41 -6.51
C THR A 15 33.06 -7.12 -5.94
N LYS A 16 33.59 -7.19 -4.70
CA LYS A 16 34.08 -5.99 -4.05
C LYS A 16 35.17 -5.24 -4.74
N ALA A 17 36.11 -5.92 -5.41
CA ALA A 17 37.13 -5.13 -6.05
C ALA A 17 36.56 -4.41 -7.26
N ALA A 18 35.64 -5.06 -7.97
CA ALA A 18 35.00 -4.45 -9.13
C ALA A 18 34.18 -3.27 -8.66
N PHE A 19 33.54 -3.41 -7.50
CA PHE A 19 32.70 -2.28 -7.02
C PHE A 19 33.63 -1.09 -6.63
N ASN A 20 34.72 -1.41 -5.96
CA ASN A 20 35.66 -0.36 -5.52
C ASN A 20 36.28 0.33 -6.73
N GLN A 21 36.47 -0.39 -7.81
CA GLN A 21 37.01 0.20 -9.05
C GLN A 21 35.90 1.13 -9.62
N MET A 22 34.65 0.64 -9.66
CA MET A 22 33.57 1.51 -10.19
C MET A 22 33.51 2.85 -9.48
N VAL A 23 33.66 2.85 -8.14
CA VAL A 23 33.55 4.12 -7.41
C VAL A 23 34.86 4.81 -7.22
N GLN A 24 35.93 4.22 -7.76
CA GLN A 24 37.26 4.81 -7.55
C GLN A 24 37.38 6.23 -8.13
N GLY A 25 37.76 7.16 -7.27
CA GLY A 25 37.94 8.52 -7.70
C GLY A 25 36.63 9.30 -7.71
N HIS A 26 35.54 8.70 -7.23
CA HIS A 26 34.26 9.43 -7.21
C HIS A 26 33.76 9.98 -5.85
N LYS A 27 34.45 9.68 -4.76
CA LYS A 27 34.07 10.16 -3.41
C LYS A 27 32.57 10.12 -3.07
N LEU A 28 32.00 8.92 -3.10
CA LEU A 28 30.57 8.72 -2.81
C LEU A 28 30.32 8.58 -1.31
N PRO A 29 29.11 8.94 -0.87
CA PRO A 29 28.73 8.85 0.56
C PRO A 29 28.78 7.42 1.11
N ALA A 30 29.01 7.33 2.43
CA ALA A 30 29.13 6.05 3.09
C ALA A 30 27.92 5.15 2.96
N TRP A 31 26.77 5.77 2.82
CA TRP A 31 25.56 4.99 2.78
C TRP A 31 25.47 4.08 1.59
N VAL A 32 26.20 4.39 0.53
CA VAL A 32 26.11 3.56 -0.65
C VAL A 32 26.61 2.15 -0.35
N MET A 33 27.76 2.08 0.30
CA MET A 33 28.38 0.78 0.64
C MET A 33 27.54 0.04 1.70
N LYS A 34 26.88 0.79 2.57
CA LYS A 34 25.99 0.27 3.63
C LYS A 34 24.68 -0.21 2.96
N GLY A 35 24.48 0.23 1.70
CA GLY A 35 23.32 -0.14 0.91
C GLY A 35 22.03 -0.41 1.65
N GLY A 36 21.79 0.44 2.65
CA GLY A 36 20.61 0.35 3.50
C GLY A 36 19.30 0.33 2.78
N THR A 37 18.74 1.51 2.47
CA THR A 37 17.46 1.55 1.77
C THR A 37 17.66 1.27 0.27
N TYR A 38 17.12 0.14 -0.14
CA TYR A 38 17.29 -0.26 -1.52
C TYR A 38 16.02 -0.83 -2.07
N THR A 39 15.97 -0.81 -3.40
CA THR A 39 14.86 -1.29 -4.18
C THR A 39 15.27 -2.66 -4.66
N PRO A 40 14.34 -3.62 -4.75
CA PRO A 40 14.75 -4.93 -5.23
C PRO A 40 15.33 -4.91 -6.63
N ALA A 41 16.28 -5.81 -6.86
CA ALA A 41 16.90 -5.90 -8.15
C ALA A 41 15.89 -6.30 -9.21
N GLN A 42 16.03 -5.70 -10.38
CA GLN A 42 15.15 -6.01 -11.49
C GLN A 42 16.06 -6.55 -12.59
N THR A 43 15.50 -7.39 -13.44
CA THR A 43 16.28 -7.91 -14.56
C THR A 43 15.95 -7.06 -15.81
N VAL A 44 16.99 -6.63 -16.54
CA VAL A 44 16.83 -5.82 -17.78
C VAL A 44 17.72 -6.34 -18.91
N THR A 45 17.22 -6.40 -20.16
CA THR A 45 18.01 -6.86 -21.29
C THR A 45 18.29 -5.74 -22.29
N LEU A 46 19.57 -5.47 -22.57
CA LEU A 46 20.01 -4.47 -23.55
C LEU A 46 20.76 -5.14 -24.73
N GLY A 47 20.14 -5.18 -25.89
CA GLY A 47 20.77 -5.79 -27.04
C GLY A 47 20.70 -7.27 -26.76
N ASP A 48 21.85 -7.89 -26.60
CA ASP A 48 21.85 -9.32 -26.31
C ASP A 48 22.51 -9.70 -24.99
N GLU A 49 22.46 -8.79 -24.02
CA GLU A 49 23.02 -9.05 -22.70
C GLU A 49 22.01 -8.64 -21.66
N THR A 50 21.98 -9.41 -20.55
CA THR A 50 21.10 -9.22 -19.43
C THR A 50 21.85 -8.78 -18.16
N TYR A 51 21.20 -7.87 -17.45
CA TYR A 51 21.74 -7.32 -16.22
C TYR A 51 20.71 -7.25 -15.10
N GLN A 52 21.23 -7.25 -13.86
CA GLN A 52 20.41 -7.06 -12.66
C GLN A 52 20.61 -5.55 -12.44
N VAL A 53 19.50 -4.82 -12.34
CA VAL A 53 19.64 -3.38 -12.13
C VAL A 53 19.12 -3.14 -10.76
N MET A 54 19.93 -2.47 -9.96
CA MET A 54 19.58 -2.22 -8.55
C MET A 54 19.70 -0.75 -8.25
N SER A 55 19.03 -0.34 -7.19
CA SER A 55 19.17 1.02 -6.77
C SER A 55 19.09 1.13 -5.27
N ALA A 56 19.52 2.24 -4.79
CA ALA A 56 19.49 2.50 -3.35
C ALA A 56 19.46 3.99 -3.11
N CYS A 57 19.09 4.44 -1.90
CA CYS A 57 19.09 5.84 -1.68
C CYS A 57 19.43 6.13 -0.23
N LYS A 58 19.70 7.40 0.05
CA LYS A 58 20.11 7.82 1.43
C LYS A 58 18.97 7.65 2.43
N PRO A 59 19.15 6.80 3.46
CA PRO A 59 18.10 6.59 4.46
C PRO A 59 17.64 7.95 5.02
N HIS A 60 16.32 8.14 5.08
CA HIS A 60 15.71 9.38 5.58
C HIS A 60 15.90 10.63 4.74
N ASP A 61 16.53 10.48 3.59
CA ASP A 61 16.54 11.59 2.67
C ASP A 61 16.70 10.95 1.30
N CYS A 62 15.82 9.99 1.08
CA CYS A 62 15.88 9.18 -0.13
C CYS A 62 15.74 9.91 -1.42
N GLY A 63 14.92 10.94 -1.42
CA GLY A 63 14.71 11.67 -2.65
C GLY A 63 15.84 12.59 -2.98
N SER A 64 16.80 12.80 -2.08
CA SER A 64 17.90 13.72 -2.29
C SER A 64 19.21 13.16 -2.84
N GLN A 65 19.47 11.91 -2.47
CA GLN A 65 20.73 11.27 -2.88
C GLN A 65 20.38 9.80 -3.17
N ARG A 66 20.70 9.33 -4.39
CA ARG A 66 20.35 7.97 -4.78
C ARG A 66 21.38 7.46 -5.80
N ILE A 67 21.36 6.16 -5.97
CA ILE A 67 22.32 5.51 -6.86
C ILE A 67 21.69 4.35 -7.55
N ALA A 68 22.16 4.06 -8.79
CA ALA A 68 21.69 2.89 -9.52
C ALA A 68 22.95 2.19 -10.04
N VAL A 69 22.88 0.87 -10.07
CA VAL A 69 23.94 0.02 -10.60
C VAL A 69 23.38 -1.08 -11.49
N MET A 70 24.01 -1.31 -12.63
CA MET A 70 23.66 -2.39 -13.53
C MET A 70 24.83 -3.44 -13.43
N TRP A 71 24.49 -4.68 -13.08
CA TRP A 71 25.49 -5.72 -12.94
C TRP A 71 25.08 -6.98 -13.75
N SER A 72 26.01 -7.51 -14.52
CA SER A 72 25.73 -8.74 -15.29
C SER A 72 26.13 -9.93 -14.40
N GLU A 73 25.19 -10.75 -13.93
CA GLU A 73 25.58 -11.91 -13.13
C GLU A 73 26.49 -12.86 -13.96
N LYS A 74 26.41 -12.78 -15.28
CA LYS A 74 27.20 -13.70 -16.12
C LYS A 74 28.64 -13.27 -16.30
N SER A 75 28.87 -11.97 -16.55
CA SER A 75 30.26 -11.49 -16.77
C SER A 75 30.87 -10.76 -15.58
N ASN A 76 30.06 -10.54 -14.55
CA ASN A 76 30.45 -9.84 -13.32
C ASN A 76 30.69 -8.35 -13.57
N GLN A 77 30.46 -7.87 -14.81
CA GLN A 77 30.67 -6.45 -15.20
C GLN A 77 29.56 -5.54 -14.59
N MET A 78 29.94 -4.35 -14.15
CA MET A 78 28.96 -3.38 -13.57
C MET A 78 29.18 -1.92 -13.95
N THR A 79 28.07 -1.19 -14.10
CA THR A 79 28.10 0.25 -14.44
C THR A 79 27.14 0.93 -13.47
N GLY A 80 27.32 2.22 -13.21
CA GLY A 80 26.41 2.87 -12.27
C GLY A 80 26.13 4.30 -12.53
N LEU A 81 25.27 4.88 -11.69
CA LEU A 81 24.88 6.28 -11.79
C LEU A 81 24.56 6.83 -10.40
N PHE A 82 25.17 7.93 -10.02
CA PHE A 82 24.87 8.56 -8.73
C PHE A 82 24.19 9.88 -8.97
N SER A 83 23.16 10.22 -8.17
CA SER A 83 22.42 11.50 -8.35
C SER A 83 22.27 12.23 -7.01
N THR A 84 22.54 13.54 -7.02
CA THR A 84 22.31 14.34 -5.79
C THR A 84 21.51 15.55 -6.23
N ILE A 85 20.47 15.85 -5.44
CA ILE A 85 19.60 16.98 -5.77
C ILE A 85 19.93 18.10 -4.84
N ASP A 86 20.26 19.26 -5.42
CA ASP A 86 20.67 20.44 -4.65
C ASP A 86 19.48 21.04 -3.92
N GLU A 87 19.65 21.19 -2.61
CA GLU A 87 18.58 21.73 -1.79
C GLU A 87 18.22 23.14 -2.23
N LYS A 88 19.24 23.92 -2.58
CA LYS A 88 19.06 25.29 -3.04
C LYS A 88 18.35 25.52 -4.40
N THR A 89 18.70 24.73 -5.41
CA THR A 89 18.13 24.91 -6.75
C THR A 89 17.23 23.79 -7.25
N SER A 90 17.36 22.63 -6.64
CA SER A 90 16.57 21.50 -7.07
C SER A 90 17.18 20.95 -8.35
N GLN A 91 18.36 21.46 -8.67
CA GLN A 91 19.11 21.01 -9.84
C GLN A 91 19.55 19.63 -9.47
N GLU A 92 19.66 18.73 -10.44
CA GLU A 92 20.08 17.36 -10.16
C GLU A 92 21.45 17.13 -10.79
N LYS A 93 22.45 16.68 -10.00
CA LYS A 93 23.79 16.48 -10.54
C LYS A 93 24.03 14.97 -10.67
N LEU A 94 24.30 14.49 -11.89
CA LEU A 94 24.53 13.04 -12.13
C LEU A 94 26.01 12.75 -12.29
N THR A 95 26.44 11.61 -11.72
CA THR A 95 27.83 11.19 -11.88
C THR A 95 27.75 9.83 -12.48
N TRP A 96 28.34 9.64 -13.68
CA TRP A 96 28.27 8.33 -14.34
C TRP A 96 29.49 7.51 -13.84
N LEU A 97 29.22 6.29 -13.40
CA LEU A 97 30.23 5.36 -12.90
C LEU A 97 30.44 4.41 -14.11
N ASN A 98 31.37 4.80 -14.98
CA ASN A 98 31.67 4.01 -16.20
C ASN A 98 32.96 3.14 -16.11
N VAL A 99 34.11 3.81 -16.03
CA VAL A 99 35.48 3.23 -16.01
C VAL A 99 35.79 2.29 -17.19
N ASN A 100 34.75 1.87 -17.92
CA ASN A 100 34.89 0.95 -19.04
C ASN A 100 34.43 1.62 -20.38
N ASP A 101 33.70 2.72 -20.27
CA ASP A 101 33.23 3.39 -21.48
C ASP A 101 32.32 2.44 -22.28
N ALA A 102 31.72 1.47 -21.60
CA ALA A 102 30.88 0.47 -22.22
C ALA A 102 29.38 0.77 -22.21
N LEU A 103 29.03 1.84 -21.53
CA LEU A 103 27.64 2.21 -21.40
C LEU A 103 27.02 2.80 -22.67
N SER A 104 25.84 2.32 -23.04
CA SER A 104 25.18 2.91 -24.19
C SER A 104 24.12 3.91 -23.77
N ILE A 105 23.57 4.61 -24.76
CA ILE A 105 22.44 5.50 -24.54
C ILE A 105 21.30 4.73 -23.77
N ASP A 106 20.97 3.51 -24.15
CA ASP A 106 19.87 2.83 -23.45
C ASP A 106 20.28 2.46 -22.06
N GLY A 107 21.55 2.10 -21.91
CA GLY A 107 22.03 1.77 -20.57
C GLY A 107 21.88 3.01 -19.68
N LYS A 108 22.22 4.19 -20.21
CA LYS A 108 22.06 5.44 -19.38
C LYS A 108 20.61 5.64 -19.00
N THR A 109 19.72 5.41 -19.95
CA THR A 109 18.29 5.55 -19.64
C THR A 109 17.81 4.58 -18.59
N VAL A 110 18.26 3.29 -18.68
CA VAL A 110 17.82 2.26 -17.75
C VAL A 110 18.33 2.64 -16.33
N LEU A 111 19.57 3.10 -16.25
CA LEU A 111 20.09 3.50 -14.88
C LEU A 111 19.30 4.65 -14.36
N PHE A 112 18.97 5.63 -15.22
CA PHE A 112 18.16 6.72 -14.70
C PHE A 112 16.76 6.23 -14.27
N ALA A 113 16.16 5.34 -15.05
CA ALA A 113 14.83 4.82 -14.68
C ALA A 113 14.91 4.10 -13.36
N ALA A 114 16.03 3.44 -13.11
CA ALA A 114 16.16 2.71 -11.86
C ALA A 114 16.25 3.66 -10.69
N LEU A 115 17.14 4.62 -10.76
CA LEU A 115 17.24 5.48 -9.55
C LEU A 115 16.05 6.44 -9.39
N THR A 116 15.30 6.74 -10.48
CA THR A 116 14.12 7.59 -10.30
C THR A 116 12.92 6.79 -9.73
N GLY A 117 12.87 5.52 -10.06
CA GLY A 117 11.76 4.67 -9.59
C GLY A 117 10.88 4.11 -10.68
N SER A 118 11.09 4.52 -11.94
CA SER A 118 10.25 4.01 -13.01
C SER A 118 10.48 2.54 -13.26
N LEU A 119 11.71 2.08 -13.09
CA LEU A 119 11.96 0.69 -13.35
C LEU A 119 11.15 -0.18 -12.37
N GLU A 120 11.09 0.22 -11.10
CA GLU A 120 10.29 -0.56 -10.12
C GLU A 120 8.82 -0.56 -10.48
N ASN A 121 8.33 0.59 -10.92
CA ASN A 121 6.92 0.72 -11.29
C ASN A 121 6.56 -0.01 -12.60
N HIS A 122 7.55 -0.25 -13.44
CA HIS A 122 7.31 -0.94 -14.70
C HIS A 122 8.47 -1.92 -14.90
N PRO A 123 8.51 -2.99 -14.08
CA PRO A 123 9.57 -4.00 -14.13
C PRO A 123 9.97 -4.52 -15.48
N ASP A 124 9.00 -4.76 -16.36
CA ASP A 124 9.37 -5.25 -17.69
C ASP A 124 9.17 -4.18 -18.74
N GLY A 125 9.31 -2.91 -18.41
CA GLY A 125 9.10 -1.90 -19.44
C GLY A 125 10.40 -1.30 -19.95
N PHE A 126 11.51 -1.87 -19.58
CA PHE A 126 12.76 -1.30 -20.01
C PHE A 126 13.69 -2.29 -20.62
N ASN A 127 13.07 -3.26 -21.27
CA ASN A 127 13.82 -4.25 -22.02
C ASN A 127 13.96 -3.82 -23.50
N PHE A 128 15.21 -3.64 -23.93
CA PHE A 128 15.53 -3.22 -25.30
C PHE A 128 16.39 -4.29 -25.96
N ARG A 129 15.75 -5.41 -26.26
CA ARG A 129 16.44 -6.52 -26.91
C ARG A 129 16.73 -6.37 -28.39
N SER A 130 17.77 -7.10 -28.75
CA SER A 130 18.30 -7.20 -30.08
C SER A 130 18.27 -8.72 -30.19
N GLN B 1 -0.23 16.11 10.42
CA GLN B 1 -0.39 17.57 10.77
C GLN B 1 0.92 18.34 10.60
N ASP B 2 0.73 19.53 10.01
CA ASP B 2 1.63 20.62 9.59
C ASP B 2 3.01 20.59 8.96
N ASP B 3 3.44 19.44 8.47
CA ASP B 3 4.69 19.33 7.72
C ASP B 3 4.57 17.97 7.12
N LEU B 4 3.60 17.24 7.65
CA LEU B 4 3.38 15.94 7.14
C LEU B 4 1.93 15.79 6.90
N THR B 5 1.55 16.21 5.73
CA THR B 5 0.17 16.13 5.32
C THR B 5 0.28 15.69 3.88
N ILE B 6 -0.82 15.20 3.32
CA ILE B 6 -0.80 14.79 1.93
C ILE B 6 -0.47 16.00 1.03
N SER B 7 -0.95 17.16 1.44
CA SER B 7 -0.70 18.35 0.65
C SER B 7 0.79 18.71 0.67
N SER B 8 1.44 18.54 1.80
CA SER B 8 2.87 18.91 1.79
C SER B 8 3.65 17.88 1.01
N LEU B 9 3.17 16.61 0.99
CA LEU B 9 3.87 15.56 0.24
C LEU B 9 3.72 15.86 -1.23
N ALA B 10 2.54 16.30 -1.63
CA ALA B 10 2.31 16.61 -3.02
C ALA B 10 3.12 17.80 -3.55
N LYS B 11 3.49 18.71 -2.65
CA LYS B 11 4.23 19.91 -3.04
C LYS B 11 5.72 19.86 -2.77
N GLY B 12 6.13 19.02 -1.83
CA GLY B 12 7.51 18.90 -1.43
C GLY B 12 8.49 18.65 -2.55
N GLU B 13 9.64 19.31 -2.51
CA GLU B 13 10.57 19.12 -3.59
C GLU B 13 10.99 17.68 -3.86
N THR B 14 11.25 16.93 -2.81
CA THR B 14 11.73 15.56 -2.94
C THR B 14 10.62 14.52 -2.86
N THR B 15 9.38 14.98 -2.82
CA THR B 15 8.27 14.04 -2.71
C THR B 15 7.22 14.22 -3.78
N LYS B 16 7.16 15.41 -4.43
CA LYS B 16 6.12 15.64 -5.40
C LYS B 16 6.13 14.73 -6.62
N ALA B 17 7.30 14.29 -7.08
CA ALA B 17 7.22 13.43 -8.25
C ALA B 17 6.65 12.07 -7.86
N ALA B 18 7.01 11.62 -6.66
CA ALA B 18 6.50 10.34 -6.17
C ALA B 18 5.00 10.46 -5.94
N PHE B 19 4.57 11.62 -5.43
CA PHE B 19 3.11 11.77 -5.23
C PHE B 19 2.42 11.80 -6.59
N ASN B 20 2.98 12.53 -7.53
CA ASN B 20 2.35 12.59 -8.85
C ASN B 20 2.31 11.20 -9.54
N GLN B 21 3.30 10.35 -9.28
CA GLN B 21 3.32 8.99 -9.85
C GLN B 21 2.18 8.18 -9.16
N MET B 22 2.06 8.33 -7.83
CA MET B 22 1.00 7.58 -7.11
C MET B 22 -0.38 7.88 -7.68
N VAL B 23 -0.66 9.14 -8.00
CA VAL B 23 -1.99 9.51 -8.52
C VAL B 23 -2.07 9.47 -10.05
N GLN B 24 -0.97 9.09 -10.68
CA GLN B 24 -0.96 9.10 -12.15
C GLN B 24 -2.02 8.20 -12.77
N GLY B 25 -2.87 8.77 -13.59
CA GLY B 25 -3.92 8.03 -14.26
C GLY B 25 -5.14 7.80 -13.37
N HIS B 26 -5.19 8.43 -12.21
CA HIS B 26 -6.35 8.23 -11.33
C HIS B 26 -7.37 9.37 -11.29
N LYS B 27 -7.15 10.47 -12.00
CA LYS B 27 -8.13 11.58 -12.01
C LYS B 27 -8.75 11.97 -10.65
N LEU B 28 -7.91 12.28 -9.67
CA LEU B 28 -8.40 12.63 -8.33
C LEU B 28 -8.77 14.11 -8.24
N PRO B 29 -9.75 14.43 -7.39
CA PRO B 29 -10.18 15.81 -7.22
C PRO B 29 -9.09 16.76 -6.72
N ALA B 30 -9.27 18.03 -7.09
CA ALA B 30 -8.31 19.06 -6.74
C ALA B 30 -7.96 19.23 -5.27
N TRP B 31 -8.92 18.97 -4.41
CA TRP B 31 -8.70 19.18 -3.00
C TRP B 31 -7.62 18.28 -2.42
N VAL B 32 -7.35 17.15 -3.07
CA VAL B 32 -6.36 16.25 -2.50
C VAL B 32 -5.01 16.93 -2.41
N MET B 33 -4.59 17.51 -3.52
CA MET B 33 -3.25 18.14 -3.51
C MET B 33 -3.28 19.52 -2.97
N LYS B 34 -4.23 20.26 -3.53
CA LYS B 34 -4.48 21.66 -3.25
C LYS B 34 -4.98 21.80 -1.85
N GLY B 35 -6.26 22.10 -1.70
CA GLY B 35 -6.77 22.34 -0.36
C GLY B 35 -7.94 21.57 0.20
N GLY B 36 -7.61 20.49 0.91
CA GLY B 36 -8.58 19.65 1.60
C GLY B 36 -8.35 19.81 3.10
N THR B 37 -9.12 19.09 3.90
CA THR B 37 -9.00 19.14 5.36
C THR B 37 -8.18 17.91 5.76
N TYR B 38 -7.41 17.96 6.84
CA TYR B 38 -6.64 16.77 7.17
C TYR B 38 -6.55 16.34 8.63
N THR B 39 -6.17 15.07 8.77
CA THR B 39 -6.00 14.40 10.04
C THR B 39 -4.49 14.36 10.30
N PRO B 40 -4.05 14.56 11.55
CA PRO B 40 -2.60 14.51 11.81
C PRO B 40 -2.03 13.13 11.48
N ALA B 41 -0.80 13.10 10.98
CA ALA B 41 -0.14 11.86 10.65
C ALA B 41 0.02 11.03 11.91
N GLN B 42 -0.08 9.72 11.73
CA GLN B 42 0.02 8.74 12.79
C GLN B 42 1.15 7.81 12.34
N THR B 43 1.93 7.32 13.29
CA THR B 43 3.00 6.41 12.90
C THR B 43 2.48 4.96 13.00
N VAL B 44 2.72 4.12 11.99
CA VAL B 44 2.26 2.70 12.04
C VAL B 44 3.35 1.78 11.54
N THR B 45 3.52 0.59 12.15
CA THR B 45 4.54 -0.34 11.69
C THR B 45 3.92 -1.62 11.19
N LEU B 46 4.32 -2.00 9.98
CA LEU B 46 3.89 -3.24 9.33
C LEU B 46 5.08 -4.17 9.09
N GLY B 47 5.16 -5.24 9.84
CA GLY B 47 6.26 -6.15 9.63
C GLY B 47 7.49 -5.51 10.25
N ASP B 48 8.43 -5.12 9.41
CA ASP B 48 9.67 -4.47 9.85
C ASP B 48 9.69 -2.96 9.60
N GLU B 49 8.84 -2.51 8.67
CA GLU B 49 8.84 -1.10 8.26
C GLU B 49 7.82 -0.21 8.93
N THR B 50 8.21 1.02 9.18
CA THR B 50 7.39 2.03 9.80
C THR B 50 7.00 3.11 8.82
N TYR B 51 5.73 3.50 8.88
CA TYR B 51 5.22 4.52 7.99
C TYR B 51 4.45 5.62 8.74
N GLN B 52 4.36 6.78 8.06
CA GLN B 52 3.55 7.90 8.53
C GLN B 52 2.27 7.72 7.72
N VAL B 53 1.16 7.61 8.43
CA VAL B 53 -0.10 7.41 7.73
C VAL B 53 -0.90 8.67 7.91
N MET B 54 -1.35 9.23 6.81
CA MET B 54 -2.09 10.48 6.81
C MET B 54 -3.39 10.34 6.09
N SER B 55 -4.28 11.26 6.36
CA SER B 55 -5.49 11.28 5.65
C SER B 55 -6.02 12.69 5.47
N ALA B 56 -6.97 12.80 4.58
CA ALA B 56 -7.60 14.09 4.30
C ALA B 56 -8.91 13.89 3.66
N CYS B 57 -9.79 14.91 3.72
CA CYS B 57 -11.07 14.77 3.09
C CYS B 57 -11.54 16.06 2.47
N LYS B 58 -12.60 15.98 1.68
CA LYS B 58 -13.13 17.17 0.93
C LYS B 58 -13.69 18.20 1.92
N PRO B 59 -13.16 19.43 1.94
CA PRO B 59 -13.70 20.41 2.90
C PRO B 59 -15.20 20.55 2.67
N HIS B 60 -15.97 20.58 3.78
CA HIS B 60 -17.44 20.68 3.75
C HIS B 60 -18.22 19.51 3.19
N ASP B 61 -17.49 18.45 2.85
CA ASP B 61 -18.21 17.26 2.48
C ASP B 61 -17.26 16.15 2.84
N CYS B 62 -16.73 16.25 4.06
CA CYS B 62 -15.70 15.33 4.50
C CYS B 62 -16.05 13.90 4.49
N GLY B 63 -17.30 13.65 4.80
CA GLY B 63 -17.73 12.28 4.85
C GLY B 63 -17.99 11.67 3.51
N SER B 64 -17.95 12.43 2.42
CA SER B 64 -18.23 11.96 1.07
C SER B 64 -17.05 11.55 0.17
N GLN B 65 -15.96 12.27 0.36
CA GLN B 65 -14.75 12.00 -0.44
C GLN B 65 -13.57 12.14 0.52
N ARG B 66 -12.70 11.12 0.60
CA ARG B 66 -11.60 11.15 1.54
C ARG B 66 -10.44 10.33 0.93
N ILE B 67 -9.26 10.53 1.49
CA ILE B 67 -8.04 9.83 1.00
C ILE B 67 -7.12 9.54 2.13
N ALA B 68 -6.36 8.43 1.99
CA ALA B 68 -5.38 8.06 3.00
C ALA B 68 -4.10 7.75 2.24
N VAL B 69 -2.97 8.10 2.84
CA VAL B 69 -1.64 7.80 2.27
C VAL B 69 -0.72 7.25 3.34
N MET B 70 0.04 6.23 3.02
CA MET B 70 1.06 5.68 3.92
C MET B 70 2.42 6.05 3.25
N TRP B 71 3.28 6.73 3.99
CA TRP B 71 4.59 7.13 3.48
C TRP B 71 5.70 6.73 4.49
N SER B 72 6.76 6.16 3.95
CA SER B 72 7.94 5.82 4.80
C SER B 72 8.90 7.03 4.76
N GLU B 73 9.12 7.71 5.89
CA GLU B 73 10.07 8.82 5.86
C GLU B 73 11.49 8.28 5.57
N LYS B 74 11.77 6.99 5.82
CA LYS B 74 13.10 6.41 5.57
C LYS B 74 13.34 6.05 4.09
N SER B 75 12.34 5.52 3.42
CA SER B 75 12.57 5.13 2.01
C SER B 75 11.91 6.02 1.01
N ASN B 76 11.09 6.97 1.49
CA ASN B 76 10.33 7.91 0.64
C ASN B 76 9.20 7.24 -0.16
N GLN B 77 8.97 5.95 0.07
CA GLN B 77 7.95 5.21 -0.67
C GLN B 77 6.55 5.50 -0.10
N MET B 78 5.59 5.56 -0.99
CA MET B 78 4.20 5.81 -0.55
C MET B 78 3.13 5.01 -1.25
N THR B 79 2.06 4.73 -0.51
CA THR B 79 0.92 3.95 -1.06
C THR B 79 -0.36 4.71 -0.61
N GLY B 80 -1.49 4.55 -1.30
CA GLY B 80 -2.68 5.32 -0.90
C GLY B 80 -3.98 4.64 -1.21
N LEU B 81 -5.06 5.30 -0.77
CA LEU B 81 -6.43 4.83 -0.95
C LEU B 81 -7.39 6.00 -1.08
N PHE B 82 -8.20 6.04 -2.11
CA PHE B 82 -9.17 7.11 -2.28
C PHE B 82 -10.55 6.49 -2.16
N SER B 83 -11.48 7.19 -1.47
CA SER B 83 -12.85 6.68 -1.28
C SER B 83 -13.88 7.75 -1.62
N THR B 84 -14.89 7.36 -2.37
CA THR B 84 -16.00 8.29 -2.64
C THR B 84 -17.27 7.55 -2.28
N ILE B 85 -18.18 8.23 -1.60
CA ILE B 85 -19.47 7.63 -1.21
C ILE B 85 -20.54 8.15 -2.18
N ASP B 86 -21.36 7.25 -2.72
CA ASP B 86 -22.40 7.64 -3.68
C ASP B 86 -23.67 8.06 -2.95
N GLU B 87 -24.65 7.16 -2.93
CA GLU B 87 -25.95 7.36 -2.29
C GLU B 87 -26.83 6.21 -2.81
N LYS B 88 -26.14 5.09 -2.99
CA LYS B 88 -26.70 3.82 -3.45
C LYS B 88 -26.50 2.90 -2.25
N GLN B 91 -23.22 3.59 -1.75
CA GLN B 91 -22.15 2.61 -1.92
C GLN B 91 -20.85 3.35 -1.87
N GLU B 92 -19.80 2.68 -1.41
CA GLU B 92 -18.48 3.33 -1.29
C GLU B 92 -17.54 2.75 -2.33
N LYS B 93 -16.88 3.60 -3.15
CA LYS B 93 -15.98 3.13 -4.20
C LYS B 93 -14.55 3.43 -3.78
N LEU B 94 -13.72 2.41 -3.68
CA LEU B 94 -12.33 2.56 -3.28
C LEU B 94 -11.40 2.45 -4.47
N THR B 95 -10.40 3.32 -4.51
CA THR B 95 -9.40 3.23 -5.60
C THR B 95 -8.09 3.07 -4.89
N TRP B 96 -7.37 1.97 -5.13
CA TRP B 96 -6.11 1.74 -4.46
C TRP B 96 -5.01 2.42 -5.31
N LEU B 97 -4.16 3.19 -4.64
CA LEU B 97 -3.08 3.95 -5.26
C LEU B 97 -1.73 3.35 -5.06
N ASN B 98 -1.10 3.13 -6.22
CA ASN B 98 0.23 2.54 -6.41
C ASN B 98 -0.13 1.07 -6.27
N VAL B 99 -1.41 0.88 -5.93
CA VAL B 99 -2.09 -0.41 -5.73
C VAL B 99 -1.18 -1.46 -5.16
N ASN B 100 0.04 -1.04 -4.86
CA ASN B 100 1.06 -1.90 -4.34
C ASN B 100 1.92 -2.53 -5.41
N ASP B 101 2.30 -3.76 -5.11
CA ASP B 101 3.19 -4.59 -5.86
C ASP B 101 3.76 -4.80 -4.47
N ALA B 102 3.51 -3.77 -3.64
CA ALA B 102 3.99 -3.71 -2.29
C ALA B 102 2.96 -3.78 -1.17
N LEU B 103 1.78 -3.22 -1.38
CA LEU B 103 0.74 -3.21 -0.35
C LEU B 103 0.27 -4.61 0.06
N SER B 104 0.30 -4.87 1.36
CA SER B 104 -0.18 -6.16 1.84
C SER B 104 -1.61 -6.01 2.33
N ILE B 105 -2.21 -7.14 2.67
CA ILE B 105 -3.55 -7.15 3.27
C ILE B 105 -3.55 -6.16 4.50
N ASP B 106 -2.54 -6.17 5.33
CA ASP B 106 -2.51 -5.27 6.50
C ASP B 106 -2.39 -3.83 6.12
N GLY B 107 -1.59 -3.58 5.08
CA GLY B 107 -1.47 -2.20 4.64
C GLY B 107 -2.84 -1.70 4.13
N LYS B 108 -3.61 -2.55 3.45
CA LYS B 108 -4.95 -2.11 2.95
C LYS B 108 -5.81 -1.82 4.17
N THR B 109 -5.76 -2.64 5.21
CA THR B 109 -6.55 -2.35 6.41
C THR B 109 -6.18 -1.05 7.11
N VAL B 110 -4.85 -0.78 7.22
CA VAL B 110 -4.38 0.42 7.89
C VAL B 110 -4.84 1.64 7.06
N LEU B 111 -4.77 1.56 5.73
CA LEU B 111 -5.23 2.73 4.91
C LEU B 111 -6.71 2.95 5.12
N PHE B 112 -7.48 1.87 5.10
CA PHE B 112 -8.90 2.07 5.34
C PHE B 112 -9.20 2.64 6.75
N ALA B 113 -8.46 2.15 7.74
CA ALA B 113 -8.65 2.66 9.12
C ALA B 113 -8.33 4.13 9.18
N ALA B 114 -7.36 4.54 8.36
CA ALA B 114 -6.98 5.96 8.36
C ALA B 114 -8.06 6.77 7.72
N LEU B 115 -8.54 6.38 6.56
CA LEU B 115 -9.54 7.33 6.03
C LEU B 115 -10.93 7.21 6.68
N THR B 116 -11.25 6.13 7.40
CA THR B 116 -12.54 6.08 8.09
C THR B 116 -12.48 6.88 9.39
N GLY B 117 -11.32 6.87 10.03
CA GLY B 117 -11.12 7.61 11.27
C GLY B 117 -10.73 6.75 12.46
N SER B 118 -10.70 5.43 12.30
CA SER B 118 -10.37 4.55 13.40
C SER B 118 -8.90 4.72 13.80
N LEU B 119 -8.04 5.05 12.84
CA LEU B 119 -6.65 5.19 13.19
C LEU B 119 -6.51 6.40 14.12
N GLU B 120 -7.18 7.50 13.80
CA GLU B 120 -7.07 8.68 14.70
C GLU B 120 -7.61 8.38 16.09
N ASN B 121 -8.69 7.61 16.18
CA ASN B 121 -9.25 7.34 17.49
C ASN B 121 -8.46 6.28 18.27
N HIS B 122 -7.63 5.51 17.58
CA HIS B 122 -6.84 4.48 18.24
C HIS B 122 -5.43 4.49 17.65
N PRO B 123 -4.68 5.59 17.87
CA PRO B 123 -3.31 5.80 17.36
C PRO B 123 -2.36 4.63 17.39
N ASP B 124 -2.35 3.86 18.46
CA ASP B 124 -1.44 2.73 18.50
C ASP B 124 -2.14 1.39 18.39
N GLY B 125 -3.28 1.35 17.72
CA GLY B 125 -3.95 0.07 17.65
C GLY B 125 -3.84 -0.64 16.32
N PHE B 126 -2.97 -0.16 15.46
CA PHE B 126 -2.85 -0.73 14.12
C PHE B 126 -1.44 -1.06 13.73
N ASN B 127 -0.61 -1.33 14.73
CA ASN B 127 0.78 -1.73 14.52
C ASN B 127 0.81 -3.27 14.45
N PHE B 128 1.29 -3.80 13.34
CA PHE B 128 1.32 -5.25 13.14
C PHE B 128 2.65 -5.95 12.96
N ARG B 129 2.94 -6.80 13.95
CA ARG B 129 4.12 -7.68 14.09
C ARG B 129 4.15 -8.07 15.56
N ASP C 3 -19.80 -24.47 14.02
CA ASP C 3 -19.71 -24.01 12.60
C ASP C 3 -20.63 -22.79 12.31
N LEU C 4 -20.36 -21.70 13.03
CA LEU C 4 -21.07 -20.42 12.90
C LEU C 4 -20.41 -19.65 11.75
N THR C 5 -21.20 -19.48 10.72
CA THR C 5 -20.72 -18.91 9.47
C THR C 5 -21.86 -18.09 8.90
N ILE C 6 -21.59 -17.33 7.83
CA ILE C 6 -22.63 -16.56 7.23
C ILE C 6 -23.76 -17.44 6.65
N SER C 7 -23.35 -18.57 6.12
CA SER C 7 -24.30 -19.53 5.58
C SER C 7 -25.22 -20.05 6.68
N SER C 8 -24.66 -20.38 7.83
CA SER C 8 -25.53 -20.92 8.88
C SER C 8 -26.48 -19.88 9.42
N LEU C 9 -26.00 -18.60 9.47
CA LEU C 9 -26.84 -17.52 9.96
C LEU C 9 -28.01 -17.35 8.99
N ALA C 10 -27.74 -17.48 7.70
CA ALA C 10 -28.78 -17.31 6.68
C ALA C 10 -29.84 -18.41 6.70
N LYS C 11 -29.46 -19.58 7.17
CA LYS C 11 -30.40 -20.70 7.17
C LYS C 11 -31.00 -21.00 8.54
N GLY C 12 -30.41 -20.42 9.57
CA GLY C 12 -30.84 -20.64 10.95
C GLY C 12 -32.27 -20.25 11.23
N GLU C 13 -32.95 -21.09 11.99
CA GLU C 13 -34.32 -20.79 12.23
C GLU C 13 -34.54 -19.44 12.87
N THR C 14 -33.73 -19.06 13.86
CA THR C 14 -33.94 -17.79 14.53
C THR C 14 -33.06 -16.68 14.01
N THR C 15 -32.32 -16.92 12.94
CA THR C 15 -31.44 -15.88 12.40
C THR C 15 -31.76 -15.57 10.93
N LYS C 16 -32.44 -16.49 10.23
CA LYS C 16 -32.68 -16.26 8.81
C LYS C 16 -33.47 -15.04 8.45
N ALA C 17 -34.48 -14.67 9.27
CA ALA C 17 -35.24 -13.50 8.89
C ALA C 17 -34.37 -12.24 9.06
N ALA C 18 -33.52 -12.22 10.08
CA ALA C 18 -32.64 -11.06 10.29
C ALA C 18 -31.64 -11.00 9.15
N PHE C 19 -31.18 -12.18 8.71
CA PHE C 19 -30.20 -12.17 7.61
C PHE C 19 -30.88 -11.65 6.33
N ASN C 20 -32.08 -12.13 6.06
CA ASN C 20 -32.79 -11.66 4.88
C ASN C 20 -33.09 -10.16 4.93
N GLN C 21 -33.31 -9.63 6.12
CA GLN C 21 -33.53 -8.17 6.28
C GLN C 21 -32.20 -7.45 5.96
N MET C 22 -31.09 -7.96 6.53
CA MET C 22 -29.78 -7.31 6.26
C MET C 22 -29.52 -7.23 4.79
N VAL C 23 -29.79 -8.30 4.02
CA VAL C 23 -29.51 -8.24 2.59
C VAL C 23 -30.67 -7.73 1.74
N GLN C 24 -31.76 -7.35 2.40
CA GLN C 24 -32.93 -6.90 1.64
C GLN C 24 -32.66 -5.68 0.77
N GLY C 25 -32.90 -5.87 -0.52
CA GLY C 25 -32.77 -4.81 -1.48
C GLY C 25 -31.37 -4.70 -2.01
N HIS C 26 -30.44 -5.54 -1.53
CA HIS C 26 -29.06 -5.48 -2.02
C HIS C 26 -28.64 -6.37 -3.22
N LYS C 27 -29.47 -7.32 -3.64
CA LYS C 27 -29.14 -8.20 -4.78
C LYS C 27 -27.74 -8.85 -4.73
N LEU C 28 -27.46 -9.58 -3.66
CA LEU C 28 -26.16 -10.22 -3.48
C LEU C 28 -26.15 -11.59 -4.15
N PRO C 29 -24.97 -12.03 -4.57
CA PRO C 29 -24.77 -13.32 -5.24
C PRO C 29 -25.19 -14.50 -4.39
N ALA C 30 -25.57 -15.60 -5.08
CA ALA C 30 -26.04 -16.80 -4.41
C ALA C 30 -25.06 -17.40 -3.46
N TRP C 31 -23.79 -17.30 -3.79
CA TRP C 31 -22.78 -17.92 -2.95
C TRP C 31 -22.80 -17.42 -1.53
N VAL C 32 -23.30 -16.20 -1.32
CA VAL C 32 -23.30 -15.68 0.03
C VAL C 32 -24.10 -16.58 0.95
N MET C 33 -25.33 -16.86 0.54
CA MET C 33 -26.17 -17.70 1.40
C MET C 33 -25.77 -19.18 1.43
N LYS C 34 -25.05 -19.65 0.43
CA LYS C 34 -24.77 -21.05 0.36
C LYS C 34 -23.33 -21.52 0.19
N GLY C 35 -23.08 -22.09 -0.99
CA GLY C 35 -21.80 -22.66 -1.36
C GLY C 35 -20.53 -21.83 -1.29
N GLY C 36 -20.60 -20.66 -0.66
CA GLY C 36 -19.40 -19.83 -0.53
C GLY C 36 -18.31 -20.48 0.34
N THR C 37 -17.14 -19.88 0.34
CA THR C 37 -15.98 -20.36 1.11
C THR C 37 -15.89 -19.45 2.33
N TYR C 38 -15.52 -19.97 3.50
CA TYR C 38 -15.48 -19.10 4.65
C TYR C 38 -14.27 -19.11 5.58
N THR C 39 -14.17 -18.04 6.35
CA THR C 39 -13.13 -17.86 7.33
C THR C 39 -13.74 -18.09 8.71
N PRO C 40 -13.01 -18.78 9.59
CA PRO C 40 -13.59 -19.01 10.90
C PRO C 40 -13.96 -17.70 11.61
N ALA C 41 -15.09 -17.73 12.31
CA ALA C 41 -15.54 -16.57 13.06
C ALA C 41 -14.47 -16.18 14.11
N GLN C 42 -14.41 -14.88 14.34
CA GLN C 42 -13.49 -14.29 15.27
C GLN C 42 -14.34 -13.47 16.23
N THR C 43 -13.84 -13.33 17.44
CA THR C 43 -14.57 -12.58 18.42
C THR C 43 -13.99 -11.17 18.53
N VAL C 44 -14.83 -10.16 18.44
CA VAL C 44 -14.37 -8.75 18.56
C VAL C 44 -15.27 -7.92 19.49
N THR C 45 -14.64 -7.10 20.34
CA THR C 45 -15.36 -6.22 21.26
C THR C 45 -15.20 -4.75 20.88
N LEU C 46 -16.32 -4.07 20.65
CA LEU C 46 -16.38 -2.63 20.33
C LEU C 46 -17.14 -1.90 21.44
N GLY C 47 -16.45 -1.06 22.19
CA GLY C 47 -17.11 -0.37 23.26
C GLY C 47 -17.43 -1.38 24.33
N ASP C 48 -18.72 -1.57 24.54
CA ASP C 48 -19.28 -2.46 25.56
C ASP C 48 -19.73 -3.79 24.99
N GLU C 49 -19.96 -3.82 23.69
CA GLU C 49 -20.50 -5.00 23.06
C GLU C 49 -19.52 -5.88 22.33
N THR C 50 -19.83 -7.18 22.32
CA THR C 50 -19.03 -8.21 21.71
C THR C 50 -19.76 -8.91 20.55
N TYR C 51 -19.04 -9.11 19.47
CA TYR C 51 -19.61 -9.73 18.28
C TYR C 51 -18.74 -10.86 17.72
N GLN C 52 -19.40 -11.76 16.98
CA GLN C 52 -18.70 -12.82 16.22
C GLN C 52 -18.62 -12.16 14.82
N VAL C 53 -17.41 -12.09 14.29
CA VAL C 53 -17.22 -11.46 13.00
C VAL C 53 -16.78 -12.59 12.10
N MET C 54 -17.48 -12.73 10.98
CA MET C 54 -17.21 -13.79 10.02
C MET C 54 -17.12 -13.25 8.64
N SER C 55 -16.48 -14.02 7.77
CA SER C 55 -16.39 -13.61 6.41
C SER C 55 -16.47 -14.82 5.52
N ALA C 56 -16.69 -14.51 4.27
CA ALA C 56 -16.77 -15.55 3.25
C ALA C 56 -16.46 -14.95 1.92
N CYS C 57 -16.12 -15.79 0.92
CA CYS C 57 -15.84 -15.21 -0.37
C CYS C 57 -16.28 -16.16 -1.47
N LYS C 58 -16.26 -15.67 -2.73
CA LYS C 58 -16.76 -16.48 -3.85
C LYS C 58 -15.83 -17.66 -4.13
N PRO C 59 -16.33 -18.90 -4.04
CA PRO C 59 -15.41 -20.01 -4.29
C PRO C 59 -14.74 -19.87 -5.69
N HIS C 60 -13.44 -20.13 -5.76
CA HIS C 60 -12.60 -20.02 -6.99
C HIS C 60 -12.41 -18.61 -7.54
N ASP C 61 -12.94 -17.60 -6.83
CA ASP C 61 -12.66 -16.26 -7.22
C ASP C 61 -12.74 -15.49 -5.94
N CYS C 62 -12.05 -16.03 -4.94
CA CYS C 62 -12.15 -15.46 -3.59
C CYS C 62 -11.71 -14.04 -3.43
N GLY C 63 -10.75 -13.64 -4.24
CA GLY C 63 -10.24 -12.31 -4.11
C GLY C 63 -11.09 -11.33 -4.84
N SER C 64 -12.08 -11.76 -5.63
CA SER C 64 -12.91 -10.83 -6.39
C SER C 64 -14.24 -10.38 -5.74
N GLN C 65 -14.81 -11.27 -4.93
CA GLN C 65 -16.09 -10.99 -4.31
C GLN C 65 -16.03 -11.59 -2.91
N ARG C 66 -16.31 -10.78 -1.89
CA ARG C 66 -16.20 -11.25 -0.52
C ARG C 66 -17.19 -10.45 0.33
N ILE C 67 -17.48 -11.01 1.48
CA ILE C 67 -18.47 -10.40 2.41
C ILE C 67 -18.03 -10.65 3.85
N ALA C 68 -18.38 -9.69 4.73
CA ALA C 68 -18.11 -9.80 6.14
C ALA C 68 -19.39 -9.49 6.86
N VAL C 69 -19.58 -10.16 8.00
CA VAL C 69 -20.74 -9.94 8.86
C VAL C 69 -20.34 -9.93 10.34
N MET C 70 -20.88 -9.01 11.10
CA MET C 70 -20.68 -8.92 12.55
C MET C 70 -22.05 -9.31 13.18
N TRP C 71 -22.06 -10.30 14.07
CA TRP C 71 -23.30 -10.73 14.68
C TRP C 71 -23.08 -10.81 16.17
N SER C 72 -24.01 -10.25 16.93
CA SER C 72 -23.90 -10.37 18.39
C SER C 72 -24.64 -11.67 18.79
N GLU C 73 -23.97 -12.67 19.35
CA GLU C 73 -24.71 -13.88 19.74
C GLU C 73 -25.70 -13.51 20.91
N LYS C 74 -25.40 -12.45 21.68
CA LYS C 74 -26.27 -12.02 22.81
C LYS C 74 -27.57 -11.33 22.35
N SER C 75 -27.46 -10.36 21.46
CA SER C 75 -28.66 -9.65 21.00
C SER C 75 -29.22 -10.07 19.68
N ASN C 76 -28.54 -11.00 19.01
CA ASN C 76 -28.95 -11.49 17.67
C ASN C 76 -28.82 -10.40 16.56
N GLN C 77 -28.28 -9.22 16.87
CA GLN C 77 -28.14 -8.09 15.91
C GLN C 77 -26.98 -8.38 14.94
N MET C 78 -27.21 -8.05 13.67
CA MET C 78 -26.24 -8.31 12.56
C MET C 78 -25.96 -7.10 11.66
N THR C 79 -24.70 -6.87 11.31
CA THR C 79 -24.37 -5.81 10.35
C THR C 79 -23.35 -6.44 9.34
N GLY C 80 -23.23 -5.89 8.13
CA GLY C 80 -22.27 -6.50 7.18
C GLY C 80 -21.67 -5.56 6.18
N LEU C 81 -20.83 -6.14 5.32
CA LEU C 81 -20.14 -5.39 4.26
C LEU C 81 -19.88 -6.31 3.09
N PHE C 82 -20.26 -5.91 1.90
CA PHE C 82 -19.99 -6.74 0.70
C PHE C 82 -18.98 -5.97 -0.16
N SER C 83 -18.02 -6.68 -0.74
CA SER C 83 -16.96 -6.08 -1.59
C SER C 83 -16.83 -6.77 -2.92
N THR C 84 -16.84 -6.00 -4.01
CA THR C 84 -16.62 -6.61 -5.32
C THR C 84 -15.50 -5.82 -5.97
N ILE C 85 -14.55 -6.52 -6.57
CA ILE C 85 -13.41 -5.85 -7.23
C ILE C 85 -13.66 -5.89 -8.73
N ASP C 86 -13.57 -4.72 -9.39
CA ASP C 86 -13.80 -4.59 -10.84
C ASP C 86 -12.62 -5.17 -11.61
N GLU C 87 -12.94 -5.91 -12.66
CA GLU C 87 -11.93 -6.58 -13.46
C GLU C 87 -10.84 -5.73 -14.08
N LYS C 88 -11.17 -4.76 -14.93
CA LYS C 88 -10.07 -4.00 -15.54
C LYS C 88 -9.59 -2.76 -14.76
N THR C 89 -10.41 -2.23 -13.86
CA THR C 89 -10.02 -1.03 -13.09
C THR C 89 -9.37 -1.37 -11.76
N SER C 90 -9.72 -2.52 -11.18
CA SER C 90 -9.16 -2.89 -9.88
C SER C 90 -9.86 -2.05 -8.81
N GLN C 91 -10.87 -1.28 -9.19
CA GLN C 91 -11.60 -0.44 -8.25
C GLN C 91 -12.40 -1.39 -7.36
N GLU C 92 -12.46 -1.12 -6.05
CA GLU C 92 -13.21 -1.98 -5.13
C GLU C 92 -14.51 -1.26 -4.73
N LYS C 93 -15.65 -1.93 -4.90
CA LYS C 93 -16.95 -1.33 -4.58
C LYS C 93 -17.48 -1.98 -3.31
N LEU C 94 -17.75 -1.16 -2.29
CA LEU C 94 -18.26 -1.63 -1.00
C LEU C 94 -19.74 -1.32 -0.81
N THR C 95 -20.47 -2.30 -0.28
CA THR C 95 -21.91 -2.08 0.02
C THR C 95 -22.06 -2.36 1.47
N TRP C 96 -22.50 -1.34 2.24
CA TRP C 96 -22.64 -1.51 3.68
C TRP C 96 -24.07 -2.09 3.90
N LEU C 97 -24.12 -3.15 4.70
CA LEU C 97 -25.38 -3.85 5.00
C LEU C 97 -25.87 -3.54 6.40
N ASN C 98 -27.10 -3.08 6.43
CA ASN C 98 -27.80 -2.65 7.64
C ASN C 98 -27.00 -1.77 8.56
N VAL C 99 -26.73 -0.57 8.07
CA VAL C 99 -26.07 0.43 8.87
C VAL C 99 -27.33 1.01 9.54
N ASN C 100 -28.13 0.15 10.16
CA ASN C 100 -29.38 0.54 10.84
C ASN C 100 -29.06 1.75 11.74
N ASP C 101 -28.14 2.55 11.25
CA ASP C 101 -27.62 3.74 11.91
C ASP C 101 -27.00 3.20 13.16
N ALA C 102 -26.50 1.98 13.07
CA ALA C 102 -25.89 1.33 14.21
C ALA C 102 -24.39 1.16 14.11
N LEU C 103 -23.91 1.09 12.88
CA LEU C 103 -22.50 0.85 12.64
C LEU C 103 -21.66 2.08 12.97
N SER C 104 -20.58 1.89 13.73
CA SER C 104 -19.71 3.01 14.03
C SER C 104 -18.49 2.99 13.08
N ILE C 105 -17.70 4.03 13.13
CA ILE C 105 -16.45 4.08 12.39
C ILE C 105 -15.63 2.78 12.73
N ASP C 106 -15.50 2.38 13.98
CA ASP C 106 -14.72 1.19 14.29
C ASP C 106 -15.34 -0.10 13.73
N GLY C 107 -16.67 -0.15 13.77
CA GLY C 107 -17.36 -1.31 13.24
C GLY C 107 -17.05 -1.39 11.75
N LYS C 108 -17.04 -0.24 11.06
CA LYS C 108 -16.70 -0.30 9.60
C LYS C 108 -15.30 -0.84 9.38
N THR C 109 -14.36 -0.42 10.21
CA THR C 109 -13.01 -0.89 10.09
C THR C 109 -12.87 -2.37 10.36
N VAL C 110 -13.55 -2.86 11.41
CA VAL C 110 -13.51 -4.29 11.76
C VAL C 110 -14.11 -5.14 10.61
N LEU C 111 -15.20 -4.68 10.00
CA LEU C 111 -15.78 -5.46 8.86
C LEU C 111 -14.82 -5.46 7.72
N PHE C 112 -14.16 -4.32 7.46
CA PHE C 112 -13.21 -4.34 6.37
C PHE C 112 -12.00 -5.24 6.68
N ALA C 113 -11.54 -5.20 7.94
CA ALA C 113 -10.43 -6.09 8.31
C ALA C 113 -10.80 -7.53 8.14
N ALA C 114 -12.08 -7.81 8.39
CA ALA C 114 -12.52 -9.21 8.25
C ALA C 114 -12.54 -9.61 6.80
N LEU C 115 -13.15 -8.80 5.94
CA LEU C 115 -13.18 -9.35 4.59
C LEU C 115 -11.85 -9.23 3.86
N THR C 116 -10.91 -8.38 4.33
CA THR C 116 -9.61 -8.29 3.69
C THR C 116 -8.68 -9.47 4.13
N GLY C 117 -8.83 -9.90 5.38
CA GLY C 117 -7.98 -10.97 5.86
C GLY C 117 -7.13 -10.57 7.07
N SER C 118 -7.07 -9.28 7.38
CA SER C 118 -6.28 -8.85 8.52
C SER C 118 -6.81 -9.37 9.85
N LEU C 119 -8.12 -9.52 10.00
CA LEU C 119 -8.67 -9.98 11.28
C LEU C 119 -8.15 -11.40 11.55
N GLU C 120 -8.13 -12.19 10.49
CA GLU C 120 -7.64 -13.58 10.56
C GLU C 120 -6.14 -13.59 10.89
N ASN C 121 -5.38 -12.70 10.27
CA ASN C 121 -3.93 -12.65 10.53
C ASN C 121 -3.70 -12.25 12.00
N HIS C 122 -4.59 -11.40 12.53
CA HIS C 122 -4.43 -10.84 13.89
C HIS C 122 -5.74 -10.92 14.66
N PRO C 123 -6.16 -12.11 15.04
CA PRO C 123 -7.41 -12.37 15.76
C PRO C 123 -7.72 -11.51 16.95
N ASP C 124 -6.69 -11.09 17.63
CA ASP C 124 -6.91 -10.28 18.81
C ASP C 124 -6.42 -8.88 18.65
N GLY C 125 -6.27 -8.41 17.42
CA GLY C 125 -5.79 -7.06 17.26
C GLY C 125 -6.83 -6.02 16.90
N PHE C 126 -8.11 -6.37 17.00
CA PHE C 126 -9.15 -5.45 16.64
C PHE C 126 -10.21 -5.22 17.66
N ASN C 127 -9.82 -5.37 18.92
CA ASN C 127 -10.71 -5.10 20.02
C ASN C 127 -10.53 -3.65 20.50
N PHE C 128 -11.62 -2.92 20.42
CA PHE C 128 -11.66 -1.50 20.79
C PHE C 128 -12.68 -1.34 21.93
N ARG C 129 -12.28 -1.88 23.09
CA ARG C 129 -13.09 -1.81 24.32
C ARG C 129 -12.90 -0.43 24.94
N SER C 130 -13.87 -0.02 25.75
CA SER C 130 -13.77 1.26 26.43
C SER C 130 -14.34 1.06 27.81
N HIS C 131 -14.20 2.08 28.67
CA HIS C 131 -14.73 2.02 30.03
C HIS C 131 -15.23 3.40 30.53
#